data_3WGX
#
_entry.id   3WGX
#
_cell.length_a   35.098
_cell.length_b   36.406
_cell.length_c   40.594
_cell.angle_alpha   81.17
_cell.angle_beta   87.47
_cell.angle_gamma   85.40
#
_symmetry.space_group_name_H-M   'P 1'
#
loop_
_entity.id
_entity.type
_entity.pdbx_description
1 polymer 'Thioredoxin domain-containing protein 5'
2 polymer Peroxiredoxin-4
3 non-polymer GLYCEROL
4 water water
#
loop_
_entity_poly.entity_id
_entity_poly.type
_entity_poly.pdbx_seq_one_letter_code
_entity_poly.pdbx_strand_id
1 'polypeptide(L)'
;GSHMGLYELSASNFELHVAQGDHFIKFFAPWCGHAKALAPTWEQLALGLEHSETVKIGKVDCTQHYELCSGNQVRGYPTL
LWFRDGKKVDQYKGKRDLESLREYVESQLQRTE
;
A,B
2 'polypeptide(L)' HGEVCPAGWKPGSETIIPDP C,D
#
# COMPACT_ATOMS: atom_id res chain seq x y z
N SER A 2 12.00 -2.88 1.96
N SER A 2 11.09 -2.22 1.51
CA SER A 2 12.27 -1.64 2.70
CA SER A 2 11.78 -1.28 2.38
C SER A 2 12.94 -0.56 1.82
C SER A 2 12.66 -0.35 1.57
N HIS A 3 12.94 0.68 2.30
N HIS A 3 12.86 0.85 2.10
CA HIS A 3 13.70 1.79 1.71
CA HIS A 3 13.82 1.78 1.59
C HIS A 3 14.82 2.15 2.70
C HIS A 3 14.81 2.07 2.70
N MET A 4 16.05 1.71 2.43
CA MET A 4 17.16 1.91 3.35
C MET A 4 16.78 1.47 4.75
N GLY A 5 16.18 0.29 4.84
CA GLY A 5 15.84 -0.31 6.12
C GLY A 5 14.44 0.02 6.64
N LEU A 6 13.76 0.99 6.06
CA LEU A 6 12.47 1.45 6.60
C LEU A 6 11.36 0.81 5.80
N TYR A 7 10.55 -0.01 6.44
CA TYR A 7 9.44 -0.70 5.80
C TYR A 7 8.18 0.15 5.89
N GLU A 8 7.53 0.37 4.75
CA GLU A 8 6.22 1.04 4.69
C GLU A 8 5.16 -0.04 4.85
N LEU A 9 4.38 0.06 5.89
CA LEU A 9 3.37 -0.97 6.19
C LEU A 9 1.98 -0.43 5.95
N SER A 10 1.11 -1.34 5.56
CA SER A 10 -0.23 -1.02 5.15
C SER A 10 -1.20 -2.00 5.78
N ALA A 11 -2.50 -1.67 5.66
CA ALA A 11 -3.49 -2.65 6.04
C ALA A 11 -3.32 -3.99 5.31
N SER A 12 -2.80 -3.95 4.08
CA SER A 12 -2.64 -5.15 3.27
C SER A 12 -1.45 -6.01 3.63
N ASN A 13 -0.40 -5.50 4.29
CA ASN A 13 0.77 -6.30 4.57
C ASN A 13 1.16 -6.36 6.04
N PHE A 14 0.42 -5.69 6.92
CA PHE A 14 0.90 -5.56 8.30
C PHE A 14 1.03 -6.93 9.02
N GLU A 15 -0.06 -7.72 8.93
CA GLU A 15 -0.15 -8.97 9.66
C GLU A 15 1.01 -9.93 9.23
N LEU A 16 1.22 -10.02 7.92
CA LEU A 16 2.30 -10.83 7.40
C LEU A 16 3.65 -10.35 7.93
N HIS A 17 3.84 -9.01 7.92
CA HIS A 17 5.11 -8.43 8.30
C HIS A 17 5.48 -8.70 9.74
N VAL A 18 4.50 -8.50 10.67
CA VAL A 18 4.83 -8.58 12.08
C VAL A 18 4.72 -9.99 12.69
N ALA A 19 4.32 -10.95 11.89
CA ALA A 19 4.02 -12.29 12.41
C ALA A 19 5.23 -12.98 13.09
N GLN A 20 6.42 -12.74 12.57
CA GLN A 20 7.62 -13.36 13.10
C GLN A 20 8.67 -12.30 13.33
N GLY A 21 9.43 -12.45 14.42
CA GLY A 21 10.54 -11.59 14.72
C GLY A 21 10.12 -10.37 15.51
N ASP A 22 11.05 -9.44 15.64
CA ASP A 22 10.86 -8.25 16.39
C ASP A 22 10.74 -7.06 15.45
N HIS A 23 9.91 -6.10 15.85
CA HIS A 23 9.52 -4.98 15.03
C HIS A 23 9.34 -3.75 15.86
N PHE A 24 9.82 -2.62 15.35
CA PHE A 24 9.62 -1.34 15.99
C PHE A 24 8.98 -0.44 14.95
N ILE A 25 7.74 0.01 15.18
CA ILE A 25 6.91 0.61 14.17
C ILE A 25 6.39 1.96 14.60
N LYS A 26 6.58 2.95 13.74
CA LYS A 26 6.10 4.31 13.92
C LYS A 26 4.74 4.50 13.27
N PHE A 27 3.72 4.72 14.06
CA PHE A 27 2.39 5.04 13.60
C PHE A 27 2.28 6.57 13.61
N PHE A 28 2.06 7.16 12.43
CA PHE A 28 2.24 8.59 12.27
C PHE A 28 1.17 9.18 11.38
N ALA A 29 1.15 10.53 11.32
CA ALA A 29 0.39 11.25 10.34
C ALA A 29 1.31 12.35 9.83
N PRO A 30 1.33 12.58 8.50
CA PRO A 30 2.26 13.61 7.97
C PRO A 30 1.96 15.03 8.43
N TRP A 31 0.71 15.29 8.81
CA TRP A 31 0.29 16.62 9.21
C TRP A 31 0.68 17.01 10.62
N CYS A 32 1.16 16.03 11.39
CA CYS A 32 1.44 16.24 12.81
C CYS A 32 2.88 16.61 13.03
N GLY A 33 3.12 17.80 13.61
CA GLY A 33 4.48 18.26 13.82
C GLY A 33 5.33 17.33 14.67
N HIS A 34 4.75 16.79 15.76
CA HIS A 34 5.50 15.86 16.58
C HIS A 34 5.99 14.66 15.76
N ALA A 35 5.13 14.20 14.86
CA ALA A 35 5.49 13.05 14.02
C ALA A 35 6.52 13.44 12.96
N LYS A 36 6.30 14.56 12.30
CA LYS A 36 7.21 15.00 11.26
C LYS A 36 8.62 15.25 11.81
N ALA A 37 8.68 15.83 13.02
CA ALA A 37 9.99 16.09 13.62
C ALA A 37 10.80 14.83 13.86
N LEU A 38 10.12 13.72 14.10
CA LEU A 38 10.78 12.43 14.33
C LEU A 38 11.27 11.78 13.03
N ALA A 39 10.67 12.15 11.90
CA ALA A 39 10.91 11.37 10.67
C ALA A 39 12.40 11.19 10.32
N PRO A 40 13.23 12.24 10.35
CA PRO A 40 14.63 12.03 9.99
C PRO A 40 15.36 11.07 10.93
N THR A 41 15.07 11.17 12.23
CA THR A 41 15.69 10.29 13.19
C THR A 41 15.24 8.84 12.98
N TRP A 42 13.94 8.67 12.70
CA TRP A 42 13.43 7.32 12.45
C TRP A 42 14.10 6.70 11.21
N GLU A 43 14.33 7.52 10.18
CA GLU A 43 15.09 7.08 9.03
C GLU A 43 16.51 6.67 9.40
N GLN A 44 17.17 7.43 10.27
CA GLN A 44 18.51 7.05 10.72
C GLN A 44 18.50 5.72 11.48
N LEU A 45 17.46 5.53 12.31
CA LEU A 45 17.33 4.30 13.06
C LEU A 45 17.22 3.11 12.11
N ALA A 46 16.33 3.22 11.14
CA ALA A 46 16.17 2.17 10.12
C ALA A 46 17.46 1.95 9.33
N LEU A 47 18.15 3.04 8.96
CA LEU A 47 19.38 2.92 8.18
C LEU A 47 20.40 2.09 8.90
N GLY A 48 20.58 2.34 10.21
CA GLY A 48 21.56 1.61 10.99
C GLY A 48 21.24 0.14 11.17
N LEU A 49 19.96 -0.21 10.96
CA LEU A 49 19.50 -1.57 11.12
C LEU A 49 19.11 -2.21 9.80
N GLU A 50 19.50 -1.57 8.65
CA GLU A 50 18.92 -1.98 7.40
C GLU A 50 19.32 -3.35 6.90
N HIS A 51 20.39 -3.90 7.46
CA HIS A 51 20.88 -5.20 7.05
C HIS A 51 20.52 -6.29 8.05
N SER A 52 19.83 -5.94 9.12
CA SER A 52 19.49 -6.87 10.20
C SER A 52 18.16 -7.58 9.92
N GLU A 53 18.14 -8.89 10.20
CA GLU A 53 16.93 -9.70 10.10
CA GLU A 53 16.87 -9.61 10.10
C GLU A 53 16.14 -9.72 11.43
N THR A 54 16.87 -9.67 12.53
CA THR A 54 16.22 -9.91 13.81
C THR A 54 15.36 -8.76 14.33
N VAL A 55 15.52 -7.58 13.78
CA VAL A 55 14.68 -6.41 14.12
C VAL A 55 14.42 -5.72 12.78
N LYS A 56 13.17 -5.29 12.58
CA LYS A 56 12.82 -4.48 11.43
CA LYS A 56 12.73 -4.52 11.41
C LYS A 56 12.07 -3.24 11.86
N ILE A 57 12.46 -2.13 11.25
CA ILE A 57 11.92 -0.83 11.53
C ILE A 57 10.86 -0.47 10.49
N GLY A 58 9.64 -0.19 10.94
CA GLY A 58 8.53 0.06 10.08
C GLY A 58 7.85 1.38 10.35
N LYS A 59 6.90 1.72 9.49
CA LYS A 59 6.02 2.85 9.72
CA LYS A 59 6.05 2.90 9.68
C LYS A 59 4.68 2.59 9.07
N VAL A 60 3.66 3.19 9.69
CA VAL A 60 2.28 3.12 9.20
C VAL A 60 1.73 4.55 9.15
N ASP A 61 1.32 4.99 7.95
CA ASP A 61 0.69 6.28 7.76
C ASP A 61 -0.80 6.12 8.11
N CYS A 62 -1.14 6.67 9.27
CA CYS A 62 -2.51 6.57 9.80
C CYS A 62 -3.51 7.46 9.06
N THR A 63 -3.06 8.28 8.08
CA THR A 63 -3.99 8.92 7.18
C THR A 63 -4.41 8.01 6.03
N GLN A 64 -3.63 6.95 5.77
CA GLN A 64 -3.92 6.00 4.74
C GLN A 64 -4.50 4.70 5.25
N HIS A 65 -4.16 4.34 6.48
CA HIS A 65 -4.54 3.06 7.08
C HIS A 65 -5.12 3.31 8.48
N TYR A 66 -6.06 4.25 8.61
CA TYR A 66 -6.50 4.63 9.92
C TYR A 66 -7.10 3.44 10.67
N GLU A 67 -7.86 2.55 10.03
CA GLU A 67 -8.45 1.43 10.77
C GLU A 67 -7.39 0.51 11.35
N LEU A 68 -6.26 0.37 10.65
CA LEU A 68 -5.16 -0.40 11.20
C LEU A 68 -4.59 0.28 12.47
N CYS A 69 -4.49 1.61 12.43
CA CYS A 69 -4.04 2.36 13.59
C CYS A 69 -5.02 2.23 14.77
N SER A 70 -6.30 2.49 14.48
CA SER A 70 -7.27 2.44 15.56
CA SER A 70 -7.32 2.41 15.52
C SER A 70 -7.38 1.01 16.11
N GLY A 71 -7.22 0.01 15.25
CA GLY A 71 -7.25 -1.40 15.66
C GLY A 71 -6.09 -1.78 16.58
N ASN A 72 -5.01 -1.00 16.54
CA ASN A 72 -3.88 -1.15 17.43
C ASN A 72 -3.87 -0.11 18.55
N GLN A 73 -5.04 0.51 18.77
CA GLN A 73 -5.25 1.43 19.87
CA GLN A 73 -5.25 1.43 19.88
CA GLN A 73 -5.27 1.44 19.86
C GLN A 73 -4.32 2.64 19.79
N VAL A 74 -3.98 3.04 18.55
CA VAL A 74 -3.21 4.25 18.37
C VAL A 74 -4.18 5.42 18.48
N ARG A 75 -3.89 6.32 19.44
CA ARG A 75 -4.77 7.46 19.78
C ARG A 75 -4.16 8.82 19.46
N GLY A 76 -2.93 8.81 18.95
CA GLY A 76 -2.26 10.05 18.62
C GLY A 76 -0.92 9.72 17.99
N TYR A 77 -0.26 10.77 17.49
CA TYR A 77 0.92 10.56 16.64
C TYR A 77 2.10 11.39 17.15
N PRO A 78 3.31 10.87 17.06
CA PRO A 78 3.62 9.49 16.67
C PRO A 78 3.43 8.54 17.87
N THR A 79 2.98 7.31 17.55
CA THR A 79 2.96 6.23 18.51
C THR A 79 3.96 5.18 18.04
N LEU A 80 4.87 4.80 18.93
CA LEU A 80 6.01 3.95 18.60
C LEU A 80 5.83 2.63 19.33
N LEU A 81 5.54 1.57 18.57
CA LEU A 81 5.16 0.28 19.15
C LEU A 81 6.16 -0.81 18.81
N TRP A 82 6.38 -1.68 19.80
CA TRP A 82 7.16 -2.88 19.60
C TRP A 82 6.21 -4.05 19.40
N PHE A 83 6.46 -4.83 18.35
CA PHE A 83 5.74 -6.08 18.09
C PHE A 83 6.73 -7.20 18.11
N ARG A 84 6.31 -8.34 18.68
CA ARG A 84 7.13 -9.54 18.70
C ARG A 84 6.24 -10.70 18.31
N ASP A 85 6.58 -11.44 17.25
CA ASP A 85 5.88 -12.65 16.86
C ASP A 85 4.37 -12.44 16.82
N GLY A 86 3.96 -11.35 16.18
CA GLY A 86 2.57 -11.11 15.91
C GLY A 86 1.83 -10.27 16.94
N LYS A 87 2.46 -9.95 18.07
CA LYS A 87 1.77 -9.33 19.18
C LYS A 87 2.41 -8.00 19.54
N LYS A 88 1.56 -6.99 19.81
CA LYS A 88 2.04 -5.74 20.39
CA LYS A 88 1.99 -5.74 20.38
C LYS A 88 2.50 -6.03 21.81
N VAL A 89 3.74 -5.68 22.11
CA VAL A 89 4.36 -5.93 23.40
C VAL A 89 4.86 -4.72 24.14
N ASP A 90 4.91 -3.53 23.52
CA ASP A 90 5.36 -2.36 24.23
C ASP A 90 4.98 -1.12 23.46
N GLN A 91 4.87 -0.03 24.18
CA GLN A 91 4.83 1.30 23.60
C GLN A 91 5.97 2.12 24.17
N TYR A 92 6.77 2.71 23.30
CA TYR A 92 7.92 3.51 23.69
CA TYR A 92 7.90 3.54 23.76
C TYR A 92 7.52 5.01 23.87
N LYS A 93 7.54 5.50 25.11
CA LYS A 93 7.07 6.83 25.45
C LYS A 93 8.23 7.76 25.83
N GLY A 94 9.47 7.31 25.66
CA GLY A 94 10.62 8.06 26.06
C GLY A 94 11.11 9.06 25.02
N LYS A 95 12.30 9.59 25.30
CA LYS A 95 12.94 10.57 24.44
C LYS A 95 13.20 9.99 23.06
N ARG A 96 13.00 10.83 22.05
CA ARG A 96 13.01 10.39 20.64
C ARG A 96 14.29 10.74 19.90
N ASP A 97 15.40 10.94 20.59
CA ASP A 97 16.69 11.08 19.91
CA ASP A 97 16.65 11.08 19.87
C ASP A 97 17.20 9.70 19.44
N LEU A 98 18.15 9.73 18.52
CA LEU A 98 18.64 8.48 17.95
C LEU A 98 19.23 7.54 18.98
N GLU A 99 20.05 8.06 19.88
CA GLU A 99 20.70 7.20 20.86
C GLU A 99 19.67 6.54 21.77
N SER A 100 18.69 7.31 22.26
CA SER A 100 17.67 6.73 23.13
C SER A 100 16.90 5.61 22.41
N LEU A 101 16.57 5.86 21.13
CA LEU A 101 15.86 4.87 20.36
C LEU A 101 16.72 3.63 20.15
N ARG A 102 18.02 3.82 19.85
CA ARG A 102 18.90 2.67 19.68
C ARG A 102 19.12 1.84 20.94
N GLU A 103 19.23 2.53 22.07
CA GLU A 103 19.38 1.82 23.33
C GLU A 103 18.09 1.03 23.68
N TYR A 104 16.93 1.61 23.35
CA TYR A 104 15.68 0.91 23.52
C TYR A 104 15.62 -0.34 22.65
N VAL A 105 16.02 -0.20 21.38
CA VAL A 105 16.07 -1.35 20.52
C VAL A 105 16.95 -2.45 21.12
N GLU A 106 18.13 -2.07 21.61
CA GLU A 106 19.01 -3.02 22.25
C GLU A 106 18.33 -3.72 23.43
N SER A 107 17.64 -2.93 24.26
CA SER A 107 16.96 -3.49 25.42
CA SER A 107 16.95 -3.48 25.42
C SER A 107 15.92 -4.52 25.00
N GLN A 108 15.21 -4.24 23.94
CA GLN A 108 14.14 -5.12 23.49
C GLN A 108 14.61 -6.39 22.76
N LEU A 109 15.80 -6.33 22.14
CA LEU A 109 16.39 -7.49 21.46
C LEU A 109 17.15 -8.45 22.35
N GLN A 110 17.37 -8.10 23.62
CA GLN A 110 18.11 -8.97 24.53
C GLN A 110 17.33 -10.26 24.79
N SER B 2 -0.13 -7.17 -24.81
CA SER B 2 -0.07 -5.90 -24.12
C SER B 2 0.80 -4.92 -24.93
N HIS B 3 0.69 -3.63 -24.56
CA HIS B 3 1.61 -2.64 -25.07
CA HIS B 3 1.55 -2.58 -25.08
C HIS B 3 2.49 -2.22 -23.93
N MET B 4 3.75 -2.64 -24.01
CA MET B 4 4.70 -2.38 -22.96
C MET B 4 4.15 -2.76 -21.58
N GLY B 5 3.51 -3.91 -21.54
CA GLY B 5 2.96 -4.45 -20.30
C GLY B 5 1.52 -4.07 -19.99
N LEU B 6 0.96 -3.06 -20.66
CA LEU B 6 -0.38 -2.61 -20.34
C LEU B 6 -1.37 -3.28 -21.24
N TYR B 7 -2.25 -4.08 -20.66
CA TYR B 7 -3.26 -4.83 -21.43
C TYR B 7 -4.48 -3.96 -21.61
N GLU B 8 -4.87 -3.78 -22.86
CA GLU B 8 -6.09 -3.11 -23.19
C GLU B 8 -7.21 -4.13 -23.19
N LEU B 9 -8.16 -3.95 -22.28
CA LEU B 9 -9.23 -4.90 -22.11
C LEU B 9 -10.51 -4.37 -22.68
N SER B 10 -11.34 -5.30 -23.15
CA SER B 10 -12.52 -4.95 -23.90
C SER B 10 -13.68 -5.85 -23.49
N ALA B 11 -14.87 -5.49 -23.96
CA ALA B 11 -16.01 -6.37 -23.75
C ALA B 11 -15.73 -7.80 -24.25
N SER B 12 -15.01 -7.92 -25.37
CA SER B 12 -14.66 -9.19 -26.05
CA SER B 12 -14.85 -9.26 -25.89
C SER B 12 -13.75 -10.07 -25.22
N ASN B 13 -12.76 -9.42 -24.61
CA ASN B 13 -11.63 -10.16 -24.06
C ASN B 13 -11.58 -10.21 -22.55
N PHE B 14 -12.44 -9.47 -21.86
CA PHE B 14 -12.23 -9.25 -20.43
C PHE B 14 -12.36 -10.55 -19.61
N GLU B 15 -13.41 -11.31 -19.86
CA GLU B 15 -13.72 -12.47 -19.05
CA GLU B 15 -13.67 -12.45 -18.99
C GLU B 15 -12.57 -13.49 -19.14
N LEU B 16 -12.12 -13.74 -20.37
CA LEU B 16 -10.99 -14.64 -20.57
C LEU B 16 -9.73 -14.09 -19.86
N HIS B 17 -9.47 -12.80 -19.99
CA HIS B 17 -8.26 -12.21 -19.43
C HIS B 17 -8.19 -12.39 -17.93
N VAL B 18 -9.31 -12.11 -17.23
CA VAL B 18 -9.27 -12.13 -15.76
C VAL B 18 -9.49 -13.50 -15.18
N ALA B 19 -9.83 -14.50 -16.01
CA ALA B 19 -10.25 -15.82 -15.46
C ALA B 19 -9.21 -16.48 -14.62
N GLN B 20 -7.93 -16.38 -15.01
CA GLN B 20 -6.86 -16.95 -14.24
C GLN B 20 -5.84 -15.88 -13.88
N GLY B 21 -5.26 -16.05 -12.71
CA GLY B 21 -4.18 -15.21 -12.25
C GLY B 21 -4.66 -13.98 -11.52
N ASP B 22 -3.71 -13.09 -11.28
CA ASP B 22 -3.94 -11.83 -10.56
C ASP B 22 -3.88 -10.65 -11.53
N HIS B 23 -4.71 -9.67 -11.28
CA HIS B 23 -4.95 -8.57 -12.20
C HIS B 23 -5.20 -7.29 -11.44
N PHE B 24 -4.61 -6.21 -11.90
CA PHE B 24 -4.87 -4.89 -11.35
C PHE B 24 -5.28 -4.02 -12.54
N ILE B 25 -6.53 -3.52 -12.53
CA ILE B 25 -7.13 -2.95 -13.72
C ILE B 25 -7.69 -1.57 -13.42
N LYS B 26 -7.34 -0.63 -14.31
CA LYS B 26 -7.82 0.75 -14.27
CA LYS B 26 -7.86 0.72 -14.22
C LYS B 26 -9.06 0.91 -15.13
N PHE B 27 -10.20 1.19 -14.50
CA PHE B 27 -11.43 1.50 -15.20
C PHE B 27 -11.54 3.03 -15.24
N PHE B 28 -11.65 3.58 -16.44
CA PHE B 28 -11.47 5.02 -16.61
C PHE B 28 -12.27 5.56 -17.74
N ALA B 29 -12.32 6.89 -17.81
CA ALA B 29 -12.76 7.57 -19.04
C ALA B 29 -11.77 8.69 -19.24
N PRO B 30 -11.38 8.94 -20.52
N PRO B 30 -11.36 8.97 -20.47
CA PRO B 30 -10.37 9.97 -20.81
CA PRO B 30 -10.31 9.99 -20.60
C PRO B 30 -10.82 11.39 -20.45
C PRO B 30 -10.81 11.41 -20.33
N TRP B 31 -12.13 11.62 -20.42
CA TRP B 31 -12.66 12.94 -20.18
C TRP B 31 -12.57 13.35 -18.73
N CYS B 32 -12.27 12.39 -17.84
CA CYS B 32 -12.18 12.68 -16.43
C CYS B 32 -10.75 13.05 -16.07
N GLY B 33 -10.53 14.28 -15.64
CA GLY B 33 -9.19 14.75 -15.33
C GLY B 33 -8.51 13.93 -14.25
N HIS B 34 -9.24 13.52 -13.22
CA HIS B 34 -8.67 12.67 -12.20
C HIS B 34 -8.09 11.39 -12.81
N ALA B 35 -8.82 10.82 -13.75
CA ALA B 35 -8.36 9.59 -14.38
C ALA B 35 -7.22 9.81 -15.35
N LYS B 36 -7.33 10.87 -16.15
CA LYS B 36 -6.29 11.14 -17.12
C LYS B 36 -4.95 11.42 -16.42
N ALA B 37 -5.01 12.06 -15.24
CA ALA B 37 -3.78 12.36 -14.50
C ALA B 37 -2.99 11.11 -14.14
N LEU B 38 -3.70 9.99 -13.95
CA LEU B 38 -3.09 8.73 -13.57
C LEU B 38 -2.46 8.01 -14.77
N ALA B 39 -2.79 8.38 -16.00
CA ALA B 39 -2.40 7.54 -17.12
C ALA B 39 -0.91 7.29 -17.23
N PRO B 40 -0.04 8.30 -17.12
CA PRO B 40 1.40 8.01 -17.25
C PRO B 40 1.91 7.10 -16.15
N THR B 41 1.43 7.32 -14.92
CA THR B 41 1.84 6.46 -13.80
C THR B 41 1.38 5.01 -14.04
N TRP B 42 0.16 4.84 -14.56
CA TRP B 42 -0.33 3.50 -14.82
C TRP B 42 0.48 2.79 -15.90
N GLU B 43 0.88 3.56 -16.93
CA GLU B 43 1.78 3.00 -17.96
CA GLU B 43 1.77 3.00 -17.95
C GLU B 43 3.10 2.57 -17.32
N GLN B 44 3.64 3.38 -16.42
CA GLN B 44 4.90 3.00 -15.78
CA GLN B 44 4.89 3.05 -15.72
C GLN B 44 4.73 1.77 -14.89
N LEU B 45 3.59 1.65 -14.21
CA LEU B 45 3.33 0.47 -13.38
C LEU B 45 3.34 -0.77 -14.27
N ALA B 46 2.63 -0.71 -15.40
CA ALA B 46 2.60 -1.81 -16.34
C ALA B 46 4.00 -2.14 -16.89
N LEU B 47 4.76 -1.09 -17.21
CA LEU B 47 6.10 -1.30 -17.76
C LEU B 47 6.97 -2.06 -16.80
N GLY B 48 6.92 -1.70 -15.51
CA GLY B 48 7.74 -2.37 -14.54
C GLY B 48 7.35 -3.82 -14.26
N LEU B 49 6.14 -4.20 -14.66
CA LEU B 49 5.60 -5.56 -14.46
C LEU B 49 5.35 -6.26 -15.79
N GLU B 50 5.92 -5.75 -16.88
CA GLU B 50 5.49 -6.21 -18.19
CA GLU B 50 5.58 -6.19 -18.23
C GLU B 50 5.84 -7.67 -18.46
N HIS B 51 6.85 -8.22 -17.78
CA HIS B 51 7.26 -9.59 -17.98
C HIS B 51 6.79 -10.54 -16.89
N SER B 52 5.98 -10.04 -15.95
CA SER B 52 5.49 -10.89 -14.86
C SER B 52 4.66 -12.05 -15.35
N GLU B 53 4.84 -13.19 -14.70
CA GLU B 53 3.95 -14.32 -14.89
C GLU B 53 2.90 -14.42 -13.80
N THR B 54 2.91 -13.51 -12.84
CA THR B 54 2.02 -13.57 -11.71
C THR B 54 0.98 -12.46 -11.66
N VAL B 55 1.20 -11.33 -12.32
CA VAL B 55 0.23 -10.28 -12.33
C VAL B 55 0.19 -9.68 -13.74
N LYS B 56 -0.96 -9.15 -14.12
CA LYS B 56 -1.14 -8.35 -15.33
C LYS B 56 -1.80 -7.04 -14.97
N ILE B 57 -1.29 -5.97 -15.55
CA ILE B 57 -1.81 -4.64 -15.39
C ILE B 57 -2.66 -4.31 -16.60
N GLY B 58 -3.95 -3.98 -16.38
CA GLY B 58 -4.87 -3.75 -17.44
C GLY B 58 -5.58 -2.42 -17.36
N LYS B 59 -6.28 -2.07 -18.42
N LYS B 59 -6.35 -2.10 -18.38
CA LYS B 59 -7.15 -0.90 -18.46
CA LYS B 59 -7.21 -0.95 -18.34
C LYS B 59 -8.44 -1.25 -19.19
C LYS B 59 -8.41 -1.17 -19.21
N VAL B 60 -9.52 -0.59 -18.77
CA VAL B 60 -10.79 -0.63 -19.48
C VAL B 60 -11.26 0.80 -19.71
N ASP B 61 -11.40 1.18 -20.99
CA ASP B 61 -11.94 2.48 -21.36
CA ASP B 61 -11.95 2.49 -21.34
C ASP B 61 -13.47 2.37 -21.32
N CYS B 62 -14.03 2.95 -20.28
CA CYS B 62 -15.46 2.91 -20.04
C CYS B 62 -16.29 3.75 -20.99
N THR B 63 -15.63 4.53 -21.88
CA THR B 63 -16.33 5.15 -22.98
C THR B 63 -16.50 4.21 -24.17
N GLN B 64 -15.76 3.10 -24.21
CA GLN B 64 -15.94 2.05 -25.22
C GLN B 64 -16.72 0.86 -24.73
N HIS B 65 -16.49 0.51 -23.47
CA HIS B 65 -16.99 -0.73 -22.87
C HIS B 65 -17.75 -0.43 -21.58
N TYR B 66 -18.70 0.51 -21.65
CA TYR B 66 -19.37 0.96 -20.43
C TYR B 66 -20.05 -0.20 -19.67
N GLU B 67 -20.47 -1.28 -20.32
N GLU B 67 -20.73 -1.03 -20.43
CA GLU B 67 -21.05 -2.43 -19.57
CA GLU B 67 -21.53 -2.09 -19.84
C GLU B 67 -20.09 -3.25 -18.64
C GLU B 67 -20.61 -2.96 -19.02
N LEU B 68 -18.79 -3.26 -18.94
N LEU B 68 -19.40 -3.16 -19.54
CA LEU B 68 -17.78 -3.87 -18.05
CA LEU B 68 -18.41 -3.90 -18.80
C LEU B 68 -17.63 -3.02 -16.80
C LEU B 68 -18.05 -3.17 -17.50
N CYS B 69 -17.88 -1.72 -16.96
N CYS B 69 -18.00 -1.84 -17.53
CA CYS B 69 -17.74 -0.78 -15.88
CA CYS B 69 -17.77 -1.07 -16.31
C CYS B 69 -18.94 -0.88 -15.00
C CYS B 69 -18.91 -1.10 -15.22
N SER B 70 -20.11 -0.71 -15.59
CA SER B 70 -21.27 -0.81 -14.69
C SER B 70 -21.45 -2.24 -14.15
N GLY B 71 -21.15 -3.22 -14.97
CA GLY B 71 -21.21 -4.62 -14.54
C GLY B 71 -20.23 -5.02 -13.46
N ASN B 72 -19.20 -4.20 -13.25
CA ASN B 72 -18.23 -4.37 -12.17
C ASN B 72 -18.34 -3.31 -11.11
N GLN B 73 -19.53 -2.67 -11.06
CA GLN B 73 -19.88 -1.74 -9.99
C GLN B 73 -18.94 -0.56 -10.00
N VAL B 74 -18.47 -0.15 -11.20
CA VAL B 74 -17.67 1.04 -11.32
C VAL B 74 -18.61 2.21 -11.51
N ARG B 75 -18.62 3.10 -10.52
CA ARG B 75 -19.54 4.25 -10.53
C ARG B 75 -18.81 5.60 -10.56
N GLY B 76 -17.48 5.56 -10.66
CA GLY B 76 -16.70 6.78 -10.80
C GLY B 76 -15.35 6.42 -11.39
N TYR B 77 -14.64 7.43 -11.86
CA TYR B 77 -13.36 7.24 -12.54
C TYR B 77 -12.29 8.08 -11.89
N PRO B 78 -11.07 7.53 -11.78
CA PRO B 78 -10.69 6.16 -12.08
C PRO B 78 -11.12 5.24 -10.93
N THR B 79 -11.40 3.98 -11.27
CA THR B 79 -11.58 2.94 -10.26
C THR B 79 -10.57 1.86 -10.55
N LEU B 80 -9.79 1.48 -9.54
CA LEU B 80 -8.67 0.55 -9.68
C LEU B 80 -9.03 -0.73 -8.92
N LEU B 81 -9.24 -1.81 -9.67
CA LEU B 81 -9.76 -3.06 -9.10
C LEU B 81 -8.75 -4.17 -9.21
N TRP B 82 -8.75 -5.04 -8.18
CA TRP B 82 -7.97 -6.27 -8.20
C TRP B 82 -8.90 -7.43 -8.50
N PHE B 83 -8.51 -8.27 -9.46
CA PHE B 83 -9.20 -9.53 -9.77
C PHE B 83 -8.24 -10.67 -9.54
N ARG B 84 -8.78 -11.78 -9.02
CA ARG B 84 -8.01 -12.99 -8.83
C ARG B 84 -8.89 -14.15 -9.31
N ASP B 85 -8.40 -14.92 -10.29
CA ASP B 85 -9.09 -16.11 -10.77
C ASP B 85 -10.57 -15.79 -11.06
N GLY B 86 -10.77 -14.68 -11.77
CA GLY B 86 -12.08 -14.31 -12.29
C GLY B 86 -12.94 -13.49 -11.36
N LYS B 87 -12.49 -13.27 -10.13
CA LYS B 87 -13.33 -12.64 -9.12
C LYS B 87 -12.74 -11.28 -8.69
N LYS B 88 -13.59 -10.28 -8.56
CA LYS B 88 -13.15 -9.01 -8.00
CA LYS B 88 -13.21 -8.98 -7.99
C LYS B 88 -12.91 -9.22 -6.50
N VAL B 89 -11.71 -8.86 -6.05
CA VAL B 89 -11.34 -9.10 -4.67
C VAL B 89 -10.91 -7.83 -3.93
N ASP B 90 -10.77 -6.68 -4.60
CA ASP B 90 -10.45 -5.45 -3.90
C ASP B 90 -10.72 -4.27 -4.82
N GLN B 91 -11.04 -3.12 -4.22
CA GLN B 91 -11.04 -1.81 -4.86
C GLN B 91 -10.01 -0.96 -4.15
N TYR B 92 -8.92 -0.61 -4.84
N TYR B 92 -8.96 -0.55 -4.86
CA TYR B 92 -7.86 0.21 -4.27
CA TYR B 92 -7.86 0.16 -4.24
C TYR B 92 -8.39 1.59 -3.89
C TYR B 92 -8.17 1.63 -3.98
N LYS B 93 -8.01 2.03 -2.71
CA LYS B 93 -8.43 3.31 -2.16
C LYS B 93 -7.26 4.19 -1.76
N GLY B 94 -6.05 3.77 -2.08
CA GLY B 94 -4.87 4.47 -1.63
C GLY B 94 -4.35 5.54 -2.57
N LYS B 95 -3.17 6.02 -2.30
CA LYS B 95 -2.54 7.07 -3.09
C LYS B 95 -2.19 6.54 -4.49
N ARG B 96 -2.22 7.41 -5.47
CA ARG B 96 -2.09 7.04 -6.88
C ARG B 96 -0.71 7.29 -7.49
N ASP B 97 0.28 7.49 -6.62
CA ASP B 97 1.64 7.59 -7.14
C ASP B 97 2.21 6.18 -7.40
N LEU B 98 3.24 6.14 -8.23
CA LEU B 98 3.77 4.87 -8.68
C LEU B 98 4.26 4.01 -7.51
N GLU B 99 4.97 4.60 -6.55
CA GLU B 99 5.51 3.81 -5.48
C GLU B 99 4.38 3.18 -4.65
N SER B 100 3.33 3.94 -4.34
CA SER B 100 2.23 3.38 -3.57
C SER B 100 1.58 2.22 -4.32
N LEU B 101 1.41 2.39 -5.63
CA LEU B 101 0.79 1.34 -6.45
C LEU B 101 1.67 0.09 -6.48
N ARG B 102 2.98 0.28 -6.63
CA ARG B 102 3.88 -0.86 -6.64
C ARG B 102 3.88 -1.61 -5.31
N GLU B 103 3.82 -0.87 -4.21
CA GLU B 103 3.75 -1.51 -2.90
C GLU B 103 2.46 -2.32 -2.78
N TYR B 104 1.36 -1.73 -3.25
CA TYR B 104 0.08 -2.44 -3.20
C TYR B 104 0.12 -3.73 -4.02
N VAL B 105 0.68 -3.68 -5.23
CA VAL B 105 0.81 -4.90 -6.04
C VAL B 105 1.60 -5.95 -5.28
N GLU B 106 2.73 -5.55 -4.67
CA GLU B 106 3.54 -6.49 -3.95
C GLU B 106 2.71 -7.13 -2.83
N SER B 107 1.97 -6.31 -2.09
N SER B 107 1.98 -6.30 -2.10
CA SER B 107 1.14 -6.82 -0.97
CA SER B 107 1.18 -6.80 -1.02
C SER B 107 0.01 -7.78 -1.39
C SER B 107 0.17 -7.84 -1.50
N GLN B 108 -0.56 -7.52 -2.56
CA GLN B 108 -1.58 -8.41 -3.09
CA GLN B 108 -1.59 -8.43 -3.03
C GLN B 108 -0.98 -9.74 -3.56
N LEU B 109 0.18 -9.67 -4.18
CA LEU B 109 0.82 -10.89 -4.65
C LEU B 109 1.30 -11.76 -3.49
N GLN B 110 1.55 -11.13 -2.35
N GLN B 110 1.49 -11.20 -2.32
CA GLN B 110 1.85 -11.89 -1.14
CA GLN B 110 1.83 -11.99 -1.14
C GLN B 110 0.61 -12.59 -0.53
C GLN B 110 0.60 -12.75 -0.59
N ARG B 111 -0.57 -12.45 -1.13
CA ARG B 111 -1.79 -13.14 -0.71
C ARG B 111 -2.08 -14.32 -1.57
N THR B 112 -1.09 -14.68 -2.40
CA THR B 112 -1.23 -15.77 -3.33
C THR B 112 -0.11 -16.75 -3.21
N GLU B 113 -0.39 -17.91 -3.80
CA GLU B 113 0.54 -19.01 -4.05
C GLU B 113 0.07 -19.78 -5.28
N HIS C 1 8.54 14.97 26.87
CA HIS C 1 8.66 13.77 26.04
C HIS C 1 7.30 13.13 25.94
N GLY C 2 7.12 12.31 24.89
CA GLY C 2 5.88 11.58 24.70
C GLY C 2 4.78 12.41 24.09
N GLU C 3 5.10 13.63 23.66
CA GLU C 3 4.08 14.52 23.13
C GLU C 3 3.53 13.94 21.80
N VAL C 4 2.22 14.09 21.60
CA VAL C 4 1.56 13.62 20.41
C VAL C 4 0.51 14.60 19.94
N CYS C 5 0.15 14.51 18.67
CA CYS C 5 -1.09 15.11 18.18
C CYS C 5 -2.21 14.08 18.33
N PRO C 6 -3.35 14.41 18.93
CA PRO C 6 -4.47 13.46 18.99
C PRO C 6 -4.93 13.03 17.61
N ALA C 7 -5.34 11.77 17.52
CA ALA C 7 -5.94 11.28 16.29
C ALA C 7 -7.30 11.88 16.01
N GLY D 2 -7.79 10.16 -4.03
CA GLY D 2 -8.99 9.35 -4.08
C GLY D 2 -10.15 10.02 -4.80
N GLU D 3 -9.92 11.17 -5.44
CA GLU D 3 -10.98 11.89 -6.12
C GLU D 3 -11.42 11.18 -7.40
N VAL D 4 -12.72 11.27 -7.71
CA VAL D 4 -13.27 10.64 -8.90
C VAL D 4 -14.29 11.54 -9.59
N CYS D 5 -14.49 11.30 -10.88
CA CYS D 5 -15.66 11.83 -11.61
C CYS D 5 -16.77 10.82 -11.62
N PRO D 6 -18.02 11.22 -11.51
N PRO D 6 -18.04 11.24 -11.56
CA PRO D 6 -19.11 10.24 -11.62
CA PRO D 6 -19.16 10.30 -11.66
C PRO D 6 -19.12 9.61 -13.00
C PRO D 6 -19.21 9.63 -13.02
N ALA D 7 -19.34 8.31 -13.04
CA ALA D 7 -19.44 7.56 -14.28
C ALA D 7 -20.70 7.90 -14.98
#